data_9E5E
#
_entry.id   9E5E
#
_cell.length_a   1.00
_cell.length_b   1.00
_cell.length_c   1.00
_cell.angle_alpha   90.00
_cell.angle_beta   90.00
_cell.angle_gamma   90.00
#
_symmetry.space_group_name_H-M   'P 1'
#
loop_
_entity.id
_entity.type
_entity.pdbx_description
1 polymer Bacteriocin
2 polymer 'DyP peroxidase'
#
loop_
_entity_poly.entity_id
_entity_poly.type
_entity_poly.pdbx_seq_one_letter_code
_entity_poly.pdbx_strand_id
1 'polypeptide(L)'
;MNNLHRELAPVSDAAWEQIEEEATRTLKRFLAARRVVDVTDPQGAALSAVGTGHVAYLDGPCAGVSAVKRQVLPVVEFRV
PFKLTRQAIDDVERGSQDSDWSPLKEAARKIAAAEDQTIFDGYMAAGIAGIRPQSSNTPLTLPATASDYPTVVAQALDQL
RVAGVNGPYHLVLGEKAYTSITGGNEGGYPVFQHIRRLIDGEIVWAPAIEGGLLLTTRGGDFVMDIGQDISIGYLNHTGT
DVELYLQESFTFSALTSEATVTLLPPEE
;
A
2 'polypeptide(L)'
;MGCPFSQSVSQPVDERLTRAAIFLVVTINPGKAAEVAVRAHCSILSSLIRGVGFRISDGGLSCVMGVSEGGWERLFGDTK
PEYLHVFREINGVHHAPSTPGDLLYHIRAARMDLCFELASRILSDLGNSVSVVDSVQGFRYFDDRDLLGFVDGTENPVAQ
AAVDATLIGDEDMVFAGGSYVIVQKYLHDLDKWNAIPVEQQEKIIGREKLSDIELRDADKPSYAHNVLTSIEEDGEDVDI
LRDNMPFGDPGKGEFGTYFIGYSRKPERIERMLENMFIGNPPGNYDRILDVSRAITGTLFFVPTTSFLDSIEPQSAPGQQ
GDDVINTLRSTAIKGDIMPGSLNIGSLKKEV
;
B
#
# COMPACT_ATOMS: atom_id res chain seq x y z
N MET A 1 -20.36 -3.88 -21.29
CA MET A 1 -18.99 -4.28 -21.57
C MET A 1 -18.03 -3.12 -21.32
N ASN A 2 -16.99 -3.38 -20.54
CA ASN A 2 -16.00 -2.38 -20.18
C ASN A 2 -14.62 -2.79 -20.69
N ASN A 3 -13.60 -2.02 -20.30
CA ASN A 3 -12.25 -2.23 -20.82
C ASN A 3 -11.63 -3.54 -20.37
N LEU A 4 -12.16 -4.18 -19.32
CA LEU A 4 -11.56 -5.41 -18.83
C LEU A 4 -11.75 -6.57 -19.82
N HIS A 5 -12.88 -6.59 -20.54
CA HIS A 5 -13.14 -7.58 -21.57
C HIS A 5 -13.12 -9.00 -20.98
N ARG A 6 -13.84 -9.18 -19.88
CA ARG A 6 -13.80 -10.45 -19.16
C ARG A 6 -14.55 -11.55 -19.90
N GLU A 7 -15.62 -11.21 -20.62
CA GLU A 7 -16.43 -12.22 -21.28
C GLU A 7 -15.71 -12.88 -22.45
N LEU A 8 -14.67 -12.25 -23.00
CA LEU A 8 -13.93 -12.85 -24.10
C LEU A 8 -12.98 -13.95 -23.65
N ALA A 9 -12.77 -14.12 -22.35
CA ALA A 9 -11.88 -15.15 -21.85
C ALA A 9 -12.63 -16.48 -21.71
N PRO A 10 -12.02 -17.59 -22.13
CA PRO A 10 -12.66 -18.91 -21.96
C PRO A 10 -12.48 -19.44 -20.54
N VAL A 11 -13.21 -18.84 -19.59
CA VAL A 11 -13.11 -19.19 -18.18
C VAL A 11 -14.52 -19.41 -17.64
N SER A 12 -14.70 -20.50 -16.90
CA SER A 12 -15.99 -20.85 -16.35
C SER A 12 -16.31 -20.00 -15.11
N ASP A 13 -17.58 -20.01 -14.73
CA ASP A 13 -18.03 -19.21 -13.59
C ASP A 13 -17.42 -19.69 -12.28
N ALA A 14 -17.36 -21.01 -12.08
CA ALA A 14 -16.76 -21.54 -10.86
C ALA A 14 -15.28 -21.21 -10.77
N ALA A 15 -14.57 -21.31 -11.91
CA ALA A 15 -13.17 -20.92 -11.93
C ALA A 15 -13.01 -19.43 -11.62
N TRP A 16 -13.90 -18.59 -12.16
CA TRP A 16 -13.86 -17.17 -11.86
C TRP A 16 -14.07 -16.92 -10.37
N GLU A 17 -15.03 -17.62 -9.77
CA GLU A 17 -15.29 -17.47 -8.34
C GLU A 17 -14.07 -17.87 -7.51
N GLN A 18 -13.45 -19.01 -7.84
CA GLN A 18 -12.29 -19.46 -7.10
C GLN A 18 -11.12 -18.49 -7.26
N ILE A 19 -10.90 -17.99 -8.47
CA ILE A 19 -9.81 -17.05 -8.70
C ILE A 19 -10.04 -15.75 -7.92
N GLU A 20 -11.28 -15.26 -7.93
CA GLU A 20 -11.59 -14.05 -7.18
C GLU A 20 -11.39 -14.25 -5.69
N GLU A 21 -11.82 -15.41 -5.16
CA GLU A 21 -11.64 -15.68 -3.74
C GLU A 21 -10.16 -15.73 -3.37
N GLU A 22 -9.36 -16.42 -4.19
CA GLU A 22 -7.93 -16.53 -3.90
C GLU A 22 -7.25 -15.16 -3.97
N ALA A 23 -7.59 -14.36 -5.00
CA ALA A 23 -6.98 -13.04 -5.14
C ALA A 23 -7.36 -12.15 -3.96
N THR A 24 -8.62 -12.17 -3.56
CA THR A 24 -9.05 -11.36 -2.42
C THR A 24 -8.35 -11.80 -1.14
N ARG A 25 -8.22 -13.11 -0.91
CA ARG A 25 -7.55 -13.60 0.28
C ARG A 25 -6.08 -13.20 0.31
N THR A 26 -5.41 -13.26 -0.85
CA THR A 26 -4.00 -12.87 -0.89
C THR A 26 -3.83 -11.37 -0.70
N LEU A 27 -4.70 -10.56 -1.33
CA LEU A 27 -4.59 -9.11 -1.22
C LEU A 27 -4.88 -8.64 0.19
N LYS A 28 -5.89 -9.22 0.85
CA LYS A 28 -6.22 -8.82 2.21
C LYS A 28 -5.08 -9.08 3.18
N ARG A 29 -4.20 -10.02 2.87
CA ARG A 29 -3.04 -10.28 3.72
C ARG A 29 -1.82 -9.46 3.32
N PHE A 30 -1.61 -9.20 2.03
CA PHE A 30 -0.41 -8.52 1.59
C PHE A 30 -0.60 -7.01 1.40
N LEU A 31 -1.79 -6.48 1.72
CA LEU A 31 -2.02 -5.03 1.69
C LEU A 31 -1.86 -4.51 3.11
N ALA A 32 -0.74 -3.83 3.36
CA ALA A 32 -0.40 -3.34 4.69
C ALA A 32 -0.66 -1.85 4.87
N ALA A 33 -0.19 -1.03 3.92
CA ALA A 33 -0.26 0.42 4.07
C ALA A 33 -1.69 0.95 4.07
N ARG A 34 -2.66 0.17 3.58
CA ARG A 34 -4.04 0.62 3.53
C ARG A 34 -4.66 0.76 4.92
N ARG A 35 -4.09 0.09 5.93
CA ARG A 35 -4.71 0.06 7.25
C ARG A 35 -4.39 1.29 8.09
N VAL A 36 -3.41 2.10 7.70
CA VAL A 36 -2.94 3.21 8.52
C VAL A 36 -3.25 4.57 7.91
N VAL A 37 -3.85 4.60 6.72
CA VAL A 37 -4.15 5.85 6.04
C VAL A 37 -5.65 5.91 5.74
N ASP A 38 -6.14 7.12 5.50
CA ASP A 38 -7.53 7.32 5.13
C ASP A 38 -7.74 6.95 3.67
N VAL A 39 -8.77 6.14 3.40
CA VAL A 39 -9.06 5.66 2.06
C VAL A 39 -10.47 6.09 1.69
N THR A 40 -10.59 6.79 0.55
CA THR A 40 -11.89 7.22 0.06
C THR A 40 -12.55 6.12 -0.75
N ASP A 41 -13.86 6.28 -0.98
CA ASP A 41 -14.58 5.37 -1.83
C ASP A 41 -14.13 5.51 -3.28
N PRO A 42 -14.27 4.46 -4.08
CA PRO A 42 -13.88 4.56 -5.50
C PRO A 42 -14.68 5.64 -6.21
N GLN A 43 -13.99 6.40 -7.06
CA GLN A 43 -14.58 7.54 -7.73
C GLN A 43 -14.81 7.32 -9.23
N GLY A 44 -14.29 6.24 -9.79
CA GLY A 44 -14.47 5.92 -11.19
C GLY A 44 -13.17 6.00 -11.97
N ALA A 45 -13.26 5.56 -13.22
CA ALA A 45 -12.10 5.56 -14.12
C ALA A 45 -11.83 6.91 -14.75
N ALA A 46 -12.71 7.90 -14.54
CA ALA A 46 -12.54 9.22 -15.13
C ALA A 46 -11.73 10.16 -14.24
N LEU A 47 -11.30 9.70 -13.06
CA LEU A 47 -10.50 10.56 -12.18
C LEU A 47 -9.08 10.69 -12.73
N SER A 48 -8.59 11.92 -12.82
CA SER A 48 -7.27 12.19 -13.36
C SER A 48 -6.36 12.99 -12.45
N ALA A 49 -6.87 13.96 -11.69
CA ALA A 49 -6.03 14.76 -10.83
C ALA A 49 -6.83 15.23 -9.63
N VAL A 50 -6.12 15.57 -8.56
CA VAL A 50 -6.71 16.07 -7.34
C VAL A 50 -6.10 17.43 -7.03
N GLY A 51 -6.94 18.43 -6.78
CA GLY A 51 -6.45 19.78 -6.53
C GLY A 51 -5.86 19.91 -5.14
N THR A 52 -4.72 20.60 -5.06
CA THR A 52 -4.07 20.82 -3.78
C THR A 52 -4.52 22.12 -3.12
N GLY A 53 -4.94 23.09 -3.92
CA GLY A 53 -5.38 24.38 -3.40
C GLY A 53 -4.38 25.49 -3.52
N HIS A 54 -3.17 25.22 -4.03
CA HIS A 54 -2.14 26.23 -4.16
C HIS A 54 -2.02 26.69 -5.62
N VAL A 55 -1.41 27.86 -5.80
CA VAL A 55 -1.28 28.48 -7.11
C VAL A 55 0.17 28.89 -7.33
N ALA A 56 0.51 29.10 -8.60
CA ALA A 56 1.83 29.56 -9.01
C ALA A 56 1.69 30.76 -9.93
N TYR A 57 2.59 31.73 -9.74
CA TYR A 57 2.56 32.97 -10.49
C TYR A 57 2.88 32.73 -11.97
N LEU A 58 2.30 33.57 -12.83
CA LEU A 58 2.58 33.53 -14.25
C LEU A 58 2.92 34.93 -14.74
N ASP A 59 3.53 35.00 -15.93
CA ASP A 59 3.97 36.27 -16.48
C ASP A 59 2.81 37.25 -16.65
N GLY A 60 1.83 36.88 -17.47
CA GLY A 60 0.69 37.72 -17.72
C GLY A 60 0.38 37.85 -19.19
N PRO A 61 -0.90 37.67 -19.55
CA PRO A 61 -1.27 37.74 -20.97
C PRO A 61 -1.18 39.15 -21.54
N CYS A 62 -1.69 40.16 -20.82
CA CYS A 62 -1.68 41.53 -21.30
C CYS A 62 -1.28 42.46 -20.15
N ALA A 63 -0.95 43.69 -20.52
CA ALA A 63 -0.57 44.70 -19.52
C ALA A 63 -1.75 44.98 -18.59
N GLY A 64 -1.47 45.04 -17.30
CA GLY A 64 -2.49 45.26 -16.30
C GLY A 64 -3.25 44.02 -15.88
N VAL A 65 -2.87 42.85 -16.38
CA VAL A 65 -3.54 41.59 -16.05
C VAL A 65 -2.51 40.66 -15.44
N SER A 66 -2.86 40.06 -14.29
CA SER A 66 -2.01 39.09 -13.62
C SER A 66 -2.66 37.71 -13.68
N ALA A 67 -1.84 36.67 -13.59
CA ALA A 67 -2.34 35.31 -13.77
C ALA A 67 -1.64 34.36 -12.81
N VAL A 68 -2.42 33.39 -12.32
CA VAL A 68 -1.90 32.29 -11.52
C VAL A 68 -2.47 30.98 -12.06
N LYS A 69 -1.74 29.91 -11.81
CA LYS A 69 -2.11 28.57 -12.29
C LYS A 69 -2.23 27.64 -11.10
N ARG A 70 -3.30 26.86 -11.07
CA ARG A 70 -3.55 25.95 -9.96
C ARG A 70 -2.56 24.79 -9.99
N GLN A 71 -2.33 24.19 -8.83
CA GLN A 71 -1.47 23.02 -8.69
C GLN A 71 -2.30 21.78 -8.40
N VAL A 72 -1.92 20.66 -9.00
CA VAL A 72 -2.67 19.42 -8.89
C VAL A 72 -1.71 18.25 -8.65
N LEU A 73 -2.28 17.13 -8.21
CA LEU A 73 -1.58 15.87 -8.07
C LEU A 73 -2.18 14.85 -9.02
N PRO A 74 -1.38 14.22 -9.87
CA PRO A 74 -1.92 13.32 -10.89
C PRO A 74 -2.23 11.94 -10.33
N VAL A 75 -3.05 11.20 -11.08
CA VAL A 75 -3.40 9.82 -10.76
C VAL A 75 -2.51 8.90 -11.58
N VAL A 76 -2.05 7.81 -10.95
CA VAL A 76 -1.18 6.85 -11.61
C VAL A 76 -1.88 5.49 -11.65
N GLU A 77 -1.58 4.73 -12.71
CA GLU A 77 -2.18 3.43 -12.95
C GLU A 77 -1.10 2.35 -12.94
N PHE A 78 -1.40 1.22 -12.32
CA PHE A 78 -0.50 0.08 -12.25
C PHE A 78 -1.18 -1.15 -12.81
N ARG A 79 -0.42 -1.92 -13.60
CA ARG A 79 -0.89 -3.16 -14.22
C ARG A 79 0.20 -4.22 -14.09
N VAL A 80 -0.20 -5.43 -13.70
CA VAL A 80 0.71 -6.56 -13.56
C VAL A 80 0.08 -7.78 -14.23
N PRO A 81 0.71 -8.35 -15.25
CA PRO A 81 0.13 -9.52 -15.93
C PRO A 81 0.59 -10.84 -15.32
N PHE A 82 -0.17 -11.89 -15.65
CA PHE A 82 0.15 -13.25 -15.22
C PHE A 82 -0.55 -14.23 -16.17
N LYS A 83 -0.18 -15.50 -16.05
CA LYS A 83 -0.66 -16.55 -16.93
C LYS A 83 -1.21 -17.71 -16.12
N LEU A 84 -2.31 -18.31 -16.60
CA LEU A 84 -2.94 -19.46 -15.97
C LEU A 84 -3.11 -20.58 -16.99
N THR A 85 -3.05 -21.82 -16.50
CA THR A 85 -3.15 -22.97 -17.37
C THR A 85 -4.60 -23.40 -17.58
N ARG A 86 -4.92 -23.75 -18.83
CA ARG A 86 -6.28 -24.11 -19.18
C ARG A 86 -6.72 -25.44 -18.58
N GLN A 87 -5.79 -26.38 -18.36
CA GLN A 87 -6.15 -27.62 -17.68
C GLN A 87 -6.62 -27.34 -16.26
N ALA A 88 -5.89 -26.51 -15.52
CA ALA A 88 -6.31 -26.13 -14.17
C ALA A 88 -7.62 -25.36 -14.20
N ILE A 89 -7.80 -24.51 -15.21
CA ILE A 89 -9.06 -23.78 -15.34
C ILE A 89 -10.23 -24.74 -15.55
N ASP A 90 -10.04 -25.74 -16.42
CA ASP A 90 -11.14 -26.64 -16.77
C ASP A 90 -11.43 -27.66 -15.68
N ASP A 91 -10.44 -28.04 -14.89
CA ASP A 91 -10.65 -29.06 -13.86
C ASP A 91 -11.62 -28.61 -12.77
N VAL A 92 -11.91 -27.30 -12.68
CA VAL A 92 -12.81 -26.81 -11.64
C VAL A 92 -14.21 -27.38 -11.82
N GLU A 93 -14.71 -27.40 -13.05
CA GLU A 93 -16.04 -27.96 -13.30
C GLU A 93 -16.04 -29.48 -13.14
N ARG A 94 -14.91 -30.13 -13.41
CA ARG A 94 -14.81 -31.56 -13.11
C ARG A 94 -14.82 -31.82 -11.61
N GLY A 95 -14.39 -30.86 -10.80
CA GLY A 95 -14.51 -31.01 -9.36
C GLY A 95 -13.22 -30.83 -8.59
N SER A 96 -12.21 -30.23 -9.23
CA SER A 96 -10.94 -30.01 -8.55
C SER A 96 -11.09 -28.96 -7.45
N GLN A 97 -10.34 -29.17 -6.36
CA GLN A 97 -10.31 -28.22 -5.25
C GLN A 97 -8.89 -27.78 -4.92
N ASP A 98 -7.90 -28.15 -5.73
CA ASP A 98 -6.50 -27.86 -5.49
C ASP A 98 -5.82 -27.37 -6.77
N SER A 99 -6.50 -26.49 -7.52
CA SER A 99 -5.92 -25.93 -8.73
C SER A 99 -4.81 -24.94 -8.38
N ASP A 100 -3.87 -24.80 -9.31
CA ASP A 100 -2.68 -23.99 -9.08
C ASP A 100 -2.96 -22.52 -9.41
N TRP A 101 -2.96 -21.68 -8.38
CA TRP A 101 -3.13 -20.24 -8.54
C TRP A 101 -1.87 -19.46 -8.13
N SER A 102 -0.71 -20.12 -8.14
CA SER A 102 0.53 -19.46 -7.72
C SER A 102 0.90 -18.24 -8.57
N PRO A 103 0.76 -18.23 -9.90
CA PRO A 103 1.04 -16.99 -10.63
C PRO A 103 0.13 -15.84 -10.22
N LEU A 104 -1.14 -16.11 -9.94
CA LEU A 104 -2.03 -15.06 -9.45
C LEU A 104 -1.60 -14.57 -8.08
N LYS A 105 -1.19 -15.49 -7.20
CA LYS A 105 -0.69 -15.09 -5.88
C LYS A 105 0.55 -14.22 -6.02
N GLU A 106 1.46 -14.58 -6.92
CA GLU A 106 2.68 -13.79 -7.11
C GLU A 106 2.36 -12.42 -7.68
N ALA A 107 1.42 -12.34 -8.63
CA ALA A 107 1.00 -11.05 -9.17
C ALA A 107 0.38 -10.16 -8.09
N ALA A 108 -0.46 -10.74 -7.24
CA ALA A 108 -1.04 -9.98 -6.14
C ALA A 108 0.02 -9.49 -5.18
N ARG A 109 1.00 -10.35 -4.87
CA ARG A 109 2.11 -9.91 -4.03
C ARG A 109 2.88 -8.76 -4.65
N LYS A 110 3.14 -8.85 -5.96
CA LYS A 110 3.89 -7.80 -6.64
C LYS A 110 3.13 -6.48 -6.63
N ILE A 111 1.83 -6.51 -6.91
CA ILE A 111 1.06 -5.27 -6.94
C ILE A 111 0.94 -4.68 -5.54
N ALA A 112 0.78 -5.53 -4.51
CA ALA A 112 0.73 -5.02 -3.15
C ALA A 112 2.05 -4.39 -2.75
N ALA A 113 3.18 -5.02 -3.11
CA ALA A 113 4.48 -4.45 -2.81
C ALA A 113 4.68 -3.13 -3.52
N ALA A 114 4.26 -3.05 -4.79
CA ALA A 114 4.39 -1.80 -5.52
C ALA A 114 3.57 -0.68 -4.88
N GLU A 115 2.33 -0.99 -4.48
CA GLU A 115 1.49 0.03 -3.83
C GLU A 115 2.11 0.47 -2.51
N ASP A 116 2.59 -0.47 -1.71
CA ASP A 116 3.20 -0.13 -0.43
C ASP A 116 4.45 0.72 -0.61
N GLN A 117 5.30 0.36 -1.57
CA GLN A 117 6.50 1.15 -1.84
C GLN A 117 6.14 2.55 -2.30
N THR A 118 5.15 2.67 -3.20
CA THR A 118 4.74 3.98 -3.67
C THR A 118 4.22 4.84 -2.52
N ILE A 119 3.44 4.24 -1.61
CA ILE A 119 2.87 5.00 -0.51
C ILE A 119 3.96 5.42 0.48
N PHE A 120 4.85 4.49 0.84
CA PHE A 120 5.78 4.77 1.94
C PHE A 120 7.00 5.59 1.49
N ASP A 121 7.52 5.33 0.30
CA ASP A 121 8.75 5.97 -0.15
C ASP A 121 8.57 6.87 -1.35
N GLY A 122 7.37 6.98 -1.90
CA GLY A 122 7.11 7.89 -3.00
C GLY A 122 7.46 7.29 -4.35
N TYR A 123 6.96 7.95 -5.40
CA TYR A 123 7.19 7.55 -6.79
C TYR A 123 7.59 8.81 -7.55
N MET A 124 8.91 9.02 -7.68
CA MET A 124 9.40 10.27 -8.25
C MET A 124 9.02 10.42 -9.72
N ALA A 125 8.97 9.30 -10.46
CA ALA A 125 8.64 9.37 -11.88
C ALA A 125 7.24 9.93 -12.10
N ALA A 126 6.29 9.60 -11.23
CA ALA A 126 4.93 10.09 -11.35
C ALA A 126 4.69 11.39 -10.59
N GLY A 127 5.70 11.91 -9.90
CA GLY A 127 5.53 13.14 -9.14
C GLY A 127 4.79 12.99 -7.84
N ILE A 128 4.90 11.84 -7.18
CA ILE A 128 4.22 11.56 -5.93
C ILE A 128 5.28 11.44 -4.83
N ALA A 129 5.08 12.17 -3.73
CA ALA A 129 6.02 12.20 -2.63
C ALA A 129 5.54 11.29 -1.50
N GLY A 130 6.50 10.63 -0.84
CA GLY A 130 6.19 9.71 0.24
C GLY A 130 6.08 10.39 1.58
N ILE A 131 5.84 9.57 2.61
CA ILE A 131 5.68 10.06 3.97
C ILE A 131 7.05 10.27 4.61
N ARG A 132 7.89 9.24 4.55
CA ARG A 132 9.22 9.33 5.18
C ARG A 132 10.09 10.43 4.59
N PRO A 133 10.20 10.61 3.26
CA PRO A 133 11.01 11.73 2.74
C PRO A 133 10.47 13.10 3.12
N GLN A 134 9.19 13.22 3.46
CA GLN A 134 8.60 14.50 3.84
C GLN A 134 8.46 14.65 5.35
N SER A 135 8.85 13.64 6.12
CA SER A 135 8.80 13.75 7.58
C SER A 135 9.78 14.82 8.06
N SER A 136 9.33 15.62 9.02
CA SER A 136 10.12 16.74 9.52
C SER A 136 10.84 16.46 10.83
N ASN A 137 10.62 15.29 11.43
CA ASN A 137 11.26 14.96 12.70
C ASN A 137 12.67 14.43 12.46
N THR A 138 13.36 14.10 13.55
CA THR A 138 14.72 13.61 13.48
C THR A 138 14.72 12.09 13.40
N PRO A 139 15.28 11.50 12.33
CA PRO A 139 15.31 10.03 12.24
C PRO A 139 16.21 9.42 13.30
N LEU A 140 15.85 8.19 13.70
CA LEU A 140 16.60 7.44 14.70
C LEU A 140 17.07 6.12 14.10
N THR A 141 18.30 5.74 14.40
CA THR A 141 18.86 4.49 13.87
C THR A 141 18.49 3.33 14.77
N LEU A 142 18.10 2.20 14.15
CA LEU A 142 17.73 1.02 14.93
C LEU A 142 18.99 0.37 15.52
N PRO A 143 18.91 -0.15 16.73
CA PRO A 143 20.07 -0.80 17.34
C PRO A 143 20.35 -2.15 16.71
N ALA A 144 21.57 -2.64 16.95
CA ALA A 144 21.98 -3.93 16.40
C ALA A 144 21.24 -5.08 17.09
N THR A 145 21.14 -5.05 18.41
CA THR A 145 20.49 -6.11 19.16
C THR A 145 19.01 -5.80 19.35
N ALA A 146 18.20 -6.88 19.39
CA ALA A 146 16.77 -6.73 19.52
C ALA A 146 16.35 -6.28 20.92
N SER A 147 17.25 -6.35 21.90
CA SER A 147 16.93 -5.96 23.26
C SER A 147 16.98 -4.45 23.49
N ASP A 148 17.45 -3.68 22.52
CA ASP A 148 17.56 -2.24 22.65
C ASP A 148 16.51 -1.48 21.84
N TYR A 149 15.55 -2.18 21.25
CA TYR A 149 14.47 -1.51 20.51
C TYR A 149 13.59 -0.65 21.41
N PRO A 150 13.16 -1.08 22.61
CA PRO A 150 12.23 -0.25 23.39
C PRO A 150 12.75 1.13 23.73
N THR A 151 14.06 1.31 23.94
CA THR A 151 14.55 2.65 24.23
C THR A 151 14.44 3.57 23.01
N VAL A 152 14.65 3.01 21.81
CA VAL A 152 14.46 3.81 20.60
C VAL A 152 12.99 4.14 20.40
N VAL A 153 12.10 3.19 20.71
CA VAL A 153 10.67 3.44 20.64
C VAL A 153 10.29 4.55 21.62
N ALA A 154 10.86 4.52 22.82
CA ALA A 154 10.59 5.54 23.82
C ALA A 154 11.11 6.90 23.36
N GLN A 155 12.27 6.93 22.71
CA GLN A 155 12.79 8.19 22.18
C GLN A 155 11.87 8.76 21.11
N ALA A 156 11.36 7.89 20.22
CA ALA A 156 10.41 8.34 19.21
C ALA A 156 9.13 8.86 19.85
N LEU A 157 8.64 8.18 20.89
CA LEU A 157 7.46 8.64 21.60
C LEU A 157 7.71 9.99 22.27
N ASP A 158 8.90 10.18 22.82
CA ASP A 158 9.25 11.46 23.42
C ASP A 158 9.27 12.56 22.38
N GLN A 159 9.82 12.26 21.20
CA GLN A 159 9.82 13.23 20.12
C GLN A 159 8.40 13.61 19.73
N LEU A 160 7.51 12.62 19.61
CA LEU A 160 6.13 12.89 19.26
C LEU A 160 5.43 13.71 20.34
N ARG A 161 5.69 13.38 21.61
CA ARG A 161 5.08 14.12 22.71
C ARG A 161 5.55 15.56 22.75
N VAL A 162 6.84 15.79 22.52
CA VAL A 162 7.36 17.15 22.49
C VAL A 162 6.78 17.91 21.31
N ALA A 163 6.62 17.26 20.16
CA ALA A 163 6.01 17.93 19.01
C ALA A 163 4.53 18.24 19.24
N GLY A 164 3.84 17.43 20.03
CA GLY A 164 2.44 17.69 20.34
C GLY A 164 1.45 16.93 19.49
N VAL A 165 1.77 15.70 19.10
CA VAL A 165 0.91 14.90 18.25
C VAL A 165 0.27 13.81 19.10
N ASN A 166 -1.06 13.81 19.17
CA ASN A 166 -1.80 12.80 19.92
C ASN A 166 -2.26 11.67 18.99
N GLY A 167 -3.01 10.75 19.56
CA GLY A 167 -3.58 9.65 18.81
C GLY A 167 -2.93 8.33 19.14
N PRO A 168 -3.58 7.23 18.78
CA PRO A 168 -2.98 5.90 18.98
C PRO A 168 -1.77 5.74 18.07
N TYR A 169 -0.67 5.24 18.64
CA TYR A 169 0.58 5.13 17.91
C TYR A 169 0.78 3.71 17.38
N HIS A 170 1.18 3.61 16.12
CA HIS A 170 1.44 2.34 15.46
C HIS A 170 2.88 2.31 14.96
N LEU A 171 3.53 1.17 15.16
CA LEU A 171 4.91 0.95 14.73
C LEU A 171 4.89 0.02 13.53
N VAL A 172 5.44 0.49 12.41
CA VAL A 172 5.56 -0.29 11.19
C VAL A 172 7.01 -0.70 11.04
N LEU A 173 7.25 -2.00 10.86
CA LEU A 173 8.60 -2.55 10.80
C LEU A 173 8.77 -3.37 9.53
N GLY A 174 9.99 -3.37 9.01
CA GLY A 174 10.30 -4.17 7.85
C GLY A 174 10.51 -5.63 8.19
N GLU A 175 10.76 -6.41 7.13
CA GLU A 175 10.93 -7.85 7.32
C GLU A 175 12.16 -8.17 8.16
N LYS A 176 13.28 -7.48 7.91
CA LYS A 176 14.49 -7.74 8.66
C LYS A 176 14.31 -7.40 10.14
N ALA A 177 13.71 -6.25 10.44
CA ALA A 177 13.48 -5.88 11.83
C ALA A 177 12.50 -6.83 12.50
N TYR A 178 11.45 -7.23 11.78
CA TYR A 178 10.48 -8.17 12.36
C TYR A 178 11.13 -9.51 12.69
N THR A 179 11.96 -10.03 11.78
CA THR A 179 12.66 -11.28 12.06
C THR A 179 13.65 -11.12 13.20
N SER A 180 14.34 -9.98 13.27
CA SER A 180 15.28 -9.75 14.36
C SER A 180 14.55 -9.73 15.71
N ILE A 181 13.36 -9.13 15.75
CA ILE A 181 12.60 -9.09 16.99
C ILE A 181 12.08 -10.48 17.35
N THR A 182 11.55 -11.21 16.36
CA THR A 182 10.94 -12.51 16.65
C THR A 182 11.97 -13.56 17.04
N GLY A 183 13.11 -13.61 16.36
CA GLY A 183 14.08 -14.64 16.61
C GLY A 183 15.09 -14.31 17.69
N GLY A 184 14.62 -13.84 18.83
CA GLY A 184 15.48 -13.53 19.94
C GLY A 184 14.81 -13.83 21.26
N ASN A 185 15.63 -14.13 22.26
CA ASN A 185 15.16 -14.41 23.62
C ASN A 185 14.21 -15.62 23.57
N GLU A 186 13.20 -15.64 24.44
CA GLU A 186 12.24 -16.75 24.49
C GLU A 186 11.14 -16.53 23.45
N GLY A 187 11.54 -16.67 22.19
CA GLY A 187 10.61 -16.50 21.09
C GLY A 187 10.28 -15.07 20.71
N GLY A 188 10.92 -14.09 21.37
CA GLY A 188 10.67 -12.70 21.07
C GLY A 188 9.44 -12.10 21.74
N TYR A 189 8.66 -12.91 22.47
CA TYR A 189 7.48 -12.36 23.11
C TYR A 189 7.80 -11.32 24.19
N PRO A 190 8.90 -11.46 24.98
CA PRO A 190 9.10 -10.40 25.98
C PRO A 190 9.40 -9.05 25.33
N VAL A 191 10.14 -9.00 24.23
CA VAL A 191 10.38 -7.76 23.49
C VAL A 191 9.09 -7.26 22.86
N PHE A 192 8.30 -8.19 22.30
CA PHE A 192 7.03 -7.81 21.69
C PHE A 192 6.11 -7.16 22.72
N GLN A 193 6.06 -7.75 23.92
CA GLN A 193 5.24 -7.20 24.99
C GLN A 193 5.78 -5.88 25.50
N HIS A 194 7.10 -5.70 25.52
CA HIS A 194 7.66 -4.41 25.89
C HIS A 194 7.25 -3.32 24.90
N ILE A 195 7.31 -3.62 23.61
CA ILE A 195 6.91 -2.63 22.60
C ILE A 195 5.42 -2.32 22.71
N ARG A 196 4.59 -3.36 22.79
CA ARG A 196 3.14 -3.16 22.95
C ARG A 196 2.79 -2.60 24.32
N ARG A 197 3.75 -2.57 25.25
CA ARG A 197 3.58 -2.00 26.57
C ARG A 197 3.88 -0.50 26.56
N LEU A 198 4.89 -0.10 25.79
CA LEU A 198 5.15 1.33 25.61
C LEU A 198 4.10 1.98 24.72
N ILE A 199 3.75 1.35 23.61
CA ILE A 199 2.80 1.92 22.65
C ILE A 199 1.50 1.13 22.72
N ASP A 200 0.38 1.84 22.65
CA ASP A 200 -0.94 1.20 22.74
C ASP A 200 -1.34 0.50 21.44
N GLY A 201 -0.59 0.69 20.36
CA GLY A 201 -0.93 0.11 19.07
C GLY A 201 -0.32 -1.28 18.89
N GLU A 202 -0.43 -1.76 17.66
CA GLU A 202 0.07 -3.08 17.28
C GLU A 202 1.20 -2.94 16.27
N ILE A 203 2.16 -3.85 16.34
CA ILE A 203 3.29 -3.85 15.41
C ILE A 203 2.82 -4.40 14.07
N VAL A 204 3.08 -3.64 13.01
CA VAL A 204 2.62 -3.97 11.67
C VAL A 204 3.81 -4.45 10.85
N TRP A 205 3.63 -5.56 10.13
CA TRP A 205 4.67 -6.17 9.33
C TRP A 205 4.52 -5.72 7.88
N ALA A 206 5.56 -5.08 7.35
CA ALA A 206 5.56 -4.54 5.99
C ALA A 206 6.72 -5.16 5.21
N PRO A 207 6.46 -6.09 4.28
CA PRO A 207 7.56 -6.77 3.60
C PRO A 207 8.27 -5.92 2.55
N ALA A 208 7.65 -4.84 2.07
CA ALA A 208 8.18 -4.10 0.93
C ALA A 208 9.08 -2.92 1.30
N ILE A 209 9.30 -2.67 2.59
CA ILE A 209 10.09 -1.52 3.02
C ILE A 209 11.23 -1.99 3.90
N GLU A 210 12.25 -1.14 3.99
CA GLU A 210 13.39 -1.34 4.87
C GLU A 210 13.27 -0.46 6.11
N GLY A 211 13.95 -0.87 7.18
CA GLY A 211 13.88 -0.13 8.42
C GLY A 211 12.47 -0.14 9.00
N GLY A 212 12.04 1.03 9.45
CA GLY A 212 10.71 1.13 10.01
C GLY A 212 10.34 2.57 10.29
N LEU A 213 9.19 2.74 10.93
CA LEU A 213 8.69 4.06 11.28
C LEU A 213 7.64 3.93 12.38
N LEU A 214 7.36 5.06 13.03
CA LEU A 214 6.30 5.16 14.02
C LEU A 214 5.36 6.30 13.62
N LEU A 215 4.06 6.03 13.64
CA LEU A 215 3.09 7.02 13.18
C LEU A 215 1.89 7.01 14.11
N THR A 216 0.96 7.92 13.85
CA THR A 216 -0.29 8.03 14.59
C THR A 216 -1.47 7.84 13.65
N THR A 217 -2.53 7.24 14.17
CA THR A 217 -3.74 6.97 13.40
C THR A 217 -4.92 7.79 13.90
N ARG A 218 -4.66 9.04 14.26
CA ARG A 218 -5.74 9.94 14.67
C ARG A 218 -6.61 10.32 13.49
N GLY A 219 -6.08 10.31 12.28
CA GLY A 219 -6.84 10.63 11.09
C GLY A 219 -6.57 12.04 10.61
N GLY A 220 -6.77 12.24 9.31
CA GLY A 220 -6.59 13.55 8.70
C GLY A 220 -5.18 13.92 8.32
N ASP A 221 -4.24 12.96 8.36
CA ASP A 221 -2.85 13.24 8.01
C ASP A 221 -2.42 12.64 6.69
N PHE A 222 -3.06 11.55 6.25
CA PHE A 222 -2.70 10.89 5.00
C PHE A 222 -3.98 10.54 4.25
N VAL A 223 -4.05 10.91 2.97
CA VAL A 223 -5.24 10.72 2.15
C VAL A 223 -4.86 9.93 0.91
N MET A 224 -5.64 8.90 0.60
CA MET A 224 -5.46 8.11 -0.61
C MET A 224 -6.74 8.19 -1.44
N ASP A 225 -6.63 8.73 -2.64
CA ASP A 225 -7.76 8.86 -3.56
C ASP A 225 -7.65 7.74 -4.59
N ILE A 226 -8.64 6.86 -4.63
CA ILE A 226 -8.62 5.69 -5.49
C ILE A 226 -9.63 5.90 -6.61
N GLY A 227 -9.16 5.86 -7.85
CA GLY A 227 -10.06 5.94 -8.99
C GLY A 227 -10.72 4.60 -9.26
N GLN A 228 -9.91 3.59 -9.54
CA GLN A 228 -10.36 2.22 -9.74
C GLN A 228 -9.60 1.30 -8.82
N ASP A 229 -10.32 0.42 -8.13
CA ASP A 229 -9.68 -0.54 -7.24
C ASP A 229 -9.02 -1.66 -8.04
N ILE A 230 -8.37 -2.57 -7.31
CA ILE A 230 -7.68 -3.68 -7.95
C ILE A 230 -8.71 -4.56 -8.66
N SER A 231 -8.50 -4.77 -9.96
CA SER A 231 -9.45 -5.51 -10.78
C SER A 231 -8.67 -6.52 -11.63
N ILE A 232 -9.42 -7.42 -12.27
CA ILE A 232 -8.86 -8.45 -13.14
C ILE A 232 -9.32 -8.20 -14.56
N GLY A 233 -8.38 -8.27 -15.51
CA GLY A 233 -8.71 -8.11 -16.92
C GLY A 233 -8.15 -9.27 -17.73
N TYR A 234 -8.53 -9.29 -19.00
CA TYR A 234 -8.15 -10.36 -19.92
C TYR A 234 -7.37 -9.78 -21.09
N LEU A 235 -6.21 -10.38 -21.38
CA LEU A 235 -5.37 -9.94 -22.50
C LEU A 235 -5.54 -10.82 -23.72
N ASN A 236 -5.25 -12.12 -23.60
CA ASN A 236 -5.31 -13.04 -24.73
C ASN A 236 -5.22 -14.47 -24.20
N HIS A 237 -5.20 -15.43 -25.13
CA HIS A 237 -5.10 -16.83 -24.77
C HIS A 237 -4.52 -17.60 -25.94
N THR A 238 -3.99 -18.79 -25.64
CA THR A 238 -3.47 -19.74 -26.60
C THR A 238 -4.16 -21.08 -26.39
N GLY A 239 -3.63 -22.12 -27.03
CA GLY A 239 -4.23 -23.44 -26.89
C GLY A 239 -4.08 -24.04 -25.50
N THR A 240 -3.11 -23.56 -24.73
CA THR A 240 -2.84 -24.14 -23.41
C THR A 240 -2.79 -23.14 -22.27
N ASP A 241 -2.80 -21.83 -22.54
CA ASP A 241 -2.65 -20.84 -21.49
C ASP A 241 -3.60 -19.67 -21.73
N VAL A 242 -3.87 -18.92 -20.66
CA VAL A 242 -4.67 -17.71 -20.73
C VAL A 242 -3.95 -16.62 -19.93
N GLU A 243 -3.80 -15.44 -20.52
CA GLU A 243 -3.10 -14.34 -19.87
C GLU A 243 -4.09 -13.33 -19.32
N LEU A 244 -3.97 -13.04 -18.03
CA LEU A 244 -4.81 -12.06 -17.35
C LEU A 244 -3.92 -11.01 -16.69
N TYR A 245 -4.54 -10.03 -16.04
CA TYR A 245 -3.75 -9.00 -15.39
C TYR A 245 -4.54 -8.40 -14.23
N LEU A 246 -3.82 -7.76 -13.33
CA LEU A 246 -4.38 -6.96 -12.25
C LEU A 246 -4.07 -5.49 -12.50
N GLN A 247 -5.03 -4.62 -12.19
CA GLN A 247 -4.90 -3.20 -12.52
C GLN A 247 -5.56 -2.35 -11.45
N GLU A 248 -4.97 -1.19 -11.19
CA GLU A 248 -5.54 -0.23 -10.26
C GLU A 248 -5.06 1.18 -10.62
N SER A 249 -5.74 2.18 -10.06
CA SER A 249 -5.39 3.57 -10.30
C SER A 249 -5.66 4.40 -9.05
N PHE A 250 -4.69 5.21 -8.65
CA PHE A 250 -4.83 5.96 -7.39
C PHE A 250 -3.86 7.13 -7.36
N THR A 251 -3.97 7.94 -6.31
CA THR A 251 -3.03 8.99 -5.96
C THR A 251 -3.01 9.12 -4.44
N PHE A 252 -1.95 9.72 -3.91
CA PHE A 252 -1.73 9.78 -2.47
C PHE A 252 -1.20 11.16 -2.09
N SER A 253 -1.54 11.58 -0.87
CA SER A 253 -1.10 12.86 -0.33
C SER A 253 -0.85 12.73 1.17
N ALA A 254 0.25 13.34 1.64
CA ALA A 254 0.57 13.41 3.06
C ALA A 254 0.54 14.88 3.46
N LEU A 255 -0.37 15.23 4.37
CA LEU A 255 -0.58 16.63 4.75
C LEU A 255 0.33 17.05 5.90
N THR A 256 0.27 16.33 7.02
CA THR A 256 1.02 16.70 8.22
C THR A 256 2.41 16.07 8.16
N SER A 257 3.44 16.90 8.24
CA SER A 257 4.82 16.45 8.12
C SER A 257 5.48 16.13 9.45
N GLU A 258 4.78 16.36 10.58
CA GLU A 258 5.36 16.12 11.89
C GLU A 258 4.70 14.95 12.64
N ALA A 259 3.89 14.16 11.95
CA ALA A 259 3.16 13.08 12.60
C ALA A 259 3.88 11.73 12.54
N THR A 260 5.07 11.67 11.95
CA THR A 260 5.78 10.41 11.80
C THR A 260 7.25 10.61 12.19
N VAL A 261 7.87 9.52 12.64
CA VAL A 261 9.28 9.48 12.98
C VAL A 261 9.94 8.35 12.19
N THR A 262 11.04 8.66 11.51
CA THR A 262 11.71 7.71 10.65
C THR A 262 12.70 6.87 11.45
N LEU A 263 12.72 5.57 11.17
CA LEU A 263 13.66 4.63 11.79
C LEU A 263 14.56 4.07 10.70
N LEU A 264 15.83 4.45 10.73
CA LEU A 264 16.82 3.99 9.79
C LEU A 264 17.31 2.58 10.16
N PRO A 265 17.70 1.79 9.16
CA PRO A 265 18.16 0.43 9.47
C PRO A 265 19.46 0.46 10.24
N PRO A 266 19.75 -0.58 11.03
CA PRO A 266 21.00 -0.58 11.81
C PRO A 266 22.22 -0.60 10.91
N GLU A 267 23.30 0.01 11.40
CA GLU A 267 24.56 0.07 10.66
C GLU A 267 25.24 -1.29 10.62
N PRO B 339 -18.45 -4.56 -12.29
CA PRO B 339 -17.95 -5.84 -12.82
C PRO B 339 -16.45 -6.02 -12.57
N GLY B 340 -16.09 -7.07 -11.84
CA GLY B 340 -14.71 -7.31 -11.53
C GLY B 340 -14.09 -6.36 -10.54
N SER B 341 -14.91 -5.72 -9.69
CA SER B 341 -14.40 -4.69 -8.80
C SER B 341 -13.39 -5.25 -7.80
N LEU B 342 -13.66 -6.44 -7.27
CA LEU B 342 -12.85 -7.05 -6.21
C LEU B 342 -12.74 -6.11 -5.00
N ASN B 343 -13.90 -5.89 -4.40
CA ASN B 343 -14.05 -4.92 -3.31
C ASN B 343 -13.07 -5.16 -2.17
N ILE B 344 -12.15 -4.22 -1.97
CA ILE B 344 -11.23 -4.25 -0.83
C ILE B 344 -11.49 -3.06 0.09
N GLY B 345 -11.40 -1.83 -0.43
CA GLY B 345 -11.69 -0.66 0.38
C GLY B 345 -10.66 -0.47 1.48
N SER B 346 -11.13 0.02 2.63
CA SER B 346 -10.28 0.26 3.78
C SER B 346 -10.12 -1.05 4.56
N LEU B 347 -8.88 -1.34 4.96
CA LEU B 347 -8.57 -2.54 5.73
C LEU B 347 -8.43 -2.25 7.23
N LYS B 348 -9.02 -1.16 7.70
CA LYS B 348 -8.95 -0.78 9.10
C LYS B 348 -9.64 -1.81 9.99
#